data_1NZV
#
_entry.id   1NZV
#
_cell.length_a   100.256
_cell.length_b   67.727
_cell.length_c   29.636
_cell.angle_alpha   90.00
_cell.angle_beta   90.00
_cell.angle_gamma   90.00
#
_symmetry.space_group_name_H-M   'P 21 21 2'
#
loop_
_entity.id
_entity.type
_entity.pdbx_description
1 polymer 'Tyrosine-protein kinase transforming protein SRC'
2 polymer 'Doubly phosphorylated peptide PQpYIpYVPA'
3 non-polymer 'CHLORIDE ION'
4 non-polymer 'TETRAETHYLENE GLYCOL'
5 water water
#
loop_
_entity_poly.entity_id
_entity_poly.type
_entity_poly.pdbx_seq_one_letter_code
_entity_poly.pdbx_strand_id
1 'polypeptide(L)'
;AEEWYFGKITRRESERLLLNPENPRGTFLVRESETTKGAYCLSVSDFDNAKGLNVKHYKIRKLDSGGFYITSRTQFSSLQ
QLVAYYSKHADGLCHRLTNVCPT
;
A,B
2 'polypeptide(L)' PQ(PTR)I(PTR)VPA C
#
loop_
_chem_comp.id
_chem_comp.type
_chem_comp.name
_chem_comp.formula
CL non-polymer 'CHLORIDE ION' 'Cl -1'
PG4 non-polymer 'TETRAETHYLENE GLYCOL' 'C8 H18 O5'
#
# COMPACT_ATOMS: atom_id res chain seq x y z
N ALA A 1 8.80 24.57 -7.79
CA ALA A 1 8.72 24.96 -9.22
C ALA A 1 7.24 25.09 -9.57
N GLU A 2 6.95 25.77 -10.67
CA GLU A 2 5.59 26.01 -11.10
C GLU A 2 5.30 25.24 -12.39
N GLU A 3 6.34 24.72 -13.05
CA GLU A 3 6.18 23.99 -14.31
C GLU A 3 5.34 22.69 -14.22
N TRP A 4 5.53 21.90 -13.17
CA TRP A 4 4.78 20.66 -13.02
C TRP A 4 3.46 20.84 -12.28
N TYR A 5 3.12 22.10 -11.97
CA TYR A 5 1.88 22.39 -11.28
C TYR A 5 0.84 22.85 -12.31
N PHE A 6 -0.13 21.98 -12.59
CA PHE A 6 -1.15 22.29 -13.58
C PHE A 6 -2.44 22.90 -13.01
N GLY A 7 -2.46 23.14 -11.70
CA GLY A 7 -3.61 23.76 -11.06
C GLY A 7 -4.97 23.07 -11.11
N LYS A 8 -5.99 23.84 -11.50
CA LYS A 8 -7.38 23.37 -11.56
C LYS A 8 -7.77 22.52 -12.77
N ILE A 9 -6.88 21.60 -13.15
CA ILE A 9 -7.13 20.70 -14.27
C ILE A 9 -7.86 19.46 -13.71
N THR A 10 -8.89 18.99 -14.41
CA THR A 10 -9.64 17.83 -13.95
C THR A 10 -8.87 16.52 -14.11
N ARG A 11 -9.38 15.45 -13.52
CA ARG A 11 -8.70 14.15 -13.59
C ARG A 11 -8.63 13.55 -14.99
N ARG A 12 -9.69 13.71 -15.77
CA ARG A 12 -9.71 13.17 -17.13
C ARG A 12 -8.81 13.99 -18.06
N GLU A 13 -8.70 15.28 -17.78
CA GLU A 13 -7.84 16.15 -18.59
C GLU A 13 -6.38 15.79 -18.39
N SER A 14 -6.00 15.51 -17.14
CA SER A 14 -4.63 15.16 -16.79
C SER A 14 -4.27 13.79 -17.37
N GLU A 15 -5.27 12.91 -17.47
CA GLU A 15 -5.06 11.58 -18.05
C GLU A 15 -4.82 11.67 -19.55
N ARG A 16 -5.58 12.53 -20.23
CA ARG A 16 -5.44 12.71 -21.66
C ARG A 16 -4.04 13.25 -22.00
N LEU A 17 -3.50 14.11 -21.14
CA LEU A 17 -2.17 14.68 -21.35
C LEU A 17 -1.08 13.68 -21.03
N LEU A 18 -1.27 12.94 -19.95
CA LEU A 18 -0.30 11.95 -19.50
C LEU A 18 -0.27 10.71 -20.36
N LEU A 19 -1.38 10.43 -21.04
CA LEU A 19 -1.47 9.26 -21.92
C LEU A 19 -0.78 9.47 -23.27
N ASN A 20 -0.16 10.64 -23.43
CA ASN A 20 0.59 11.02 -24.63
C ASN A 20 1.68 9.95 -24.85
N PRO A 21 1.65 9.26 -26.00
CA PRO A 21 2.60 8.20 -26.35
C PRO A 21 4.09 8.54 -26.42
N GLU A 22 4.42 9.82 -26.50
CA GLU A 22 5.82 10.23 -26.54
C GLU A 22 6.34 10.42 -25.12
N ASN A 23 5.42 10.35 -24.15
CA ASN A 23 5.77 10.52 -22.75
C ASN A 23 6.52 9.33 -22.16
N PRO A 24 7.67 9.58 -21.52
CA PRO A 24 8.47 8.51 -20.91
C PRO A 24 7.70 8.00 -19.68
N ARG A 25 7.89 6.72 -19.34
CA ARG A 25 7.23 6.15 -18.17
C ARG A 25 7.64 6.94 -16.93
N GLY A 26 6.66 7.45 -16.20
CA GLY A 26 6.97 8.23 -15.02
C GLY A 26 6.74 9.73 -15.23
N THR A 27 6.11 10.08 -16.36
CA THR A 27 5.80 11.49 -16.65
C THR A 27 4.76 11.90 -15.62
N PHE A 28 4.83 13.14 -15.14
CA PHE A 28 3.91 13.57 -14.11
C PHE A 28 3.46 15.03 -14.13
N LEU A 29 2.54 15.31 -13.22
CA LEU A 29 2.00 16.65 -13.03
C LEU A 29 1.32 16.67 -11.67
N VAL A 30 1.28 17.83 -11.05
CA VAL A 30 0.62 17.98 -9.76
C VAL A 30 -0.57 18.85 -10.10
N ARG A 31 -1.71 18.58 -9.46
CA ARG A 31 -2.92 19.34 -9.71
C ARG A 31 -3.71 19.39 -8.43
N GLU A 32 -4.78 20.20 -8.42
CA GLU A 32 -5.63 20.29 -7.25
C GLU A 32 -6.55 19.07 -7.23
N SER A 33 -6.87 18.56 -6.04
CA SER A 33 -7.77 17.42 -5.94
C SER A 33 -9.16 17.92 -6.32
N GLU A 34 -9.75 17.14 -7.20
CA GLU A 34 -11.07 17.34 -7.77
C GLU A 34 -12.15 17.05 -6.72
N THR A 35 -11.82 16.18 -5.76
CA THR A 35 -12.71 15.75 -4.70
C THR A 35 -12.20 16.14 -3.31
N GLY A 38 -9.52 20.72 -0.47
CA GLY A 38 -8.35 21.63 -0.68
C GLY A 38 -6.99 20.93 -0.79
N ALA A 39 -7.00 19.67 -1.21
CA ALA A 39 -5.76 18.88 -1.32
C ALA A 39 -5.18 18.89 -2.74
N TYR A 40 -4.04 18.23 -2.91
CA TYR A 40 -3.40 18.13 -4.22
C TYR A 40 -3.30 16.70 -4.74
N CYS A 41 -2.90 16.53 -5.98
CA CYS A 41 -2.77 15.20 -6.56
C CYS A 41 -1.58 15.09 -7.50
N LEU A 42 -0.88 13.97 -7.38
CA LEU A 42 0.24 13.67 -8.24
C LEU A 42 -0.25 12.62 -9.23
N SER A 43 -0.23 12.93 -10.51
CA SER A 43 -0.67 11.99 -11.53
C SER A 43 0.56 11.59 -12.35
N VAL A 44 0.82 10.29 -12.40
CA VAL A 44 1.97 9.72 -13.07
C VAL A 44 1.61 8.72 -14.17
N SER A 45 2.32 8.78 -15.30
CA SER A 45 2.06 7.85 -16.39
C SER A 45 2.80 6.54 -16.08
N ASP A 46 2.20 5.42 -16.47
CA ASP A 46 2.80 4.12 -16.22
C ASP A 46 2.57 3.20 -17.41
N PHE A 47 3.00 1.94 -17.29
CA PHE A 47 2.84 0.96 -18.35
C PHE A 47 2.81 -0.46 -17.81
N ASP A 48 2.01 -1.29 -18.47
CA ASP A 48 1.91 -2.72 -18.18
C ASP A 48 1.21 -3.27 -19.42
N ASN A 49 1.33 -4.58 -19.66
CA ASN A 49 0.74 -5.20 -20.84
C ASN A 49 -0.80 -5.21 -20.91
N ALA A 50 -1.47 -5.30 -19.76
CA ALA A 50 -2.93 -5.35 -19.73
C ALA A 50 -3.60 -4.00 -20.05
N LYS A 51 -3.13 -2.95 -19.39
CA LYS A 51 -3.69 -1.62 -19.61
C LYS A 51 -2.96 -0.87 -20.72
N GLY A 52 -1.69 -1.21 -20.92
CA GLY A 52 -0.89 -0.50 -21.90
C GLY A 52 -0.49 0.78 -21.19
N LEU A 53 -0.53 1.93 -21.86
CA LEU A 53 -0.18 3.19 -21.23
C LEU A 53 -1.31 3.59 -20.28
N ASN A 54 -0.97 3.91 -19.04
CA ASN A 54 -2.01 4.29 -18.08
C ASN A 54 -1.54 5.36 -17.09
N VAL A 55 -2.49 5.85 -16.29
CA VAL A 55 -2.17 6.89 -15.33
C VAL A 55 -2.52 6.51 -13.90
N LYS A 56 -1.58 6.79 -13.01
CA LYS A 56 -1.74 6.52 -11.59
C LYS A 56 -1.97 7.88 -10.92
N HIS A 57 -2.93 7.93 -10.00
CA HIS A 57 -3.27 9.15 -9.27
C HIS A 57 -3.02 8.93 -7.79
N TYR A 58 -2.20 9.80 -7.19
CA TYR A 58 -1.89 9.73 -5.77
C TYR A 58 -2.41 10.99 -5.07
N LYS A 59 -3.14 10.81 -3.99
CA LYS A 59 -3.67 11.95 -3.26
C LYS A 59 -2.60 12.50 -2.33
N ILE A 60 -2.27 13.77 -2.50
CA ILE A 60 -1.26 14.39 -1.64
C ILE A 60 -1.98 14.98 -0.42
N ARG A 61 -1.75 14.36 0.73
CA ARG A 61 -2.37 14.77 1.98
C ARG A 61 -1.45 15.66 2.80
N LYS A 62 -2.02 16.34 3.79
CA LYS A 62 -1.23 17.21 4.64
C LYS A 62 -1.38 16.79 6.10
N LEU A 63 -0.28 16.85 6.84
CA LEU A 63 -0.32 16.52 8.25
C LEU A 63 -0.86 17.75 8.95
N ASP A 64 -1.34 17.59 10.18
CA ASP A 64 -1.89 18.71 10.93
C ASP A 64 -0.76 19.62 11.44
N SER A 65 0.45 19.06 11.50
CA SER A 65 1.64 19.80 11.92
C SER A 65 2.28 20.55 10.75
N GLY A 66 1.69 20.40 9.56
CA GLY A 66 2.24 21.08 8.40
C GLY A 66 3.31 20.26 7.69
N GLY A 67 2.87 19.40 6.77
CA GLY A 67 3.78 18.57 6.01
C GLY A 67 2.99 17.75 4.99
N PHE A 68 3.43 17.76 3.73
CA PHE A 68 2.76 17.01 2.68
C PHE A 68 3.21 15.55 2.63
N TYR A 69 2.29 14.65 2.35
CA TYR A 69 2.67 13.24 2.26
C TYR A 69 1.74 12.42 1.37
N ILE A 70 2.22 11.25 0.96
CA ILE A 70 1.48 10.33 0.13
C ILE A 70 1.52 8.96 0.81
N THR A 71 2.67 8.63 1.40
CA THR A 71 2.83 7.35 2.08
C THR A 71 2.92 7.51 3.60
N SER A 72 3.26 6.41 4.28
CA SER A 72 3.35 6.42 5.72
C SER A 72 4.74 6.24 6.31
N ARG A 73 5.61 7.24 6.13
CA ARG A 73 6.98 7.21 6.68
C ARG A 73 7.80 8.31 6.00
N THR A 74 7.14 9.09 5.16
CA THR A 74 7.78 10.19 4.44
C THR A 74 6.84 11.39 4.35
N GLN A 75 7.35 12.57 4.73
CA GLN A 75 6.58 13.80 4.67
C GLN A 75 7.51 14.90 4.14
N PHE A 76 6.93 16.00 3.66
CA PHE A 76 7.73 17.09 3.09
C PHE A 76 7.16 18.45 3.51
N SER A 77 7.99 19.49 3.44
CA SER A 77 7.56 20.84 3.83
C SER A 77 6.87 21.58 2.68
N SER A 78 7.11 21.12 1.47
CA SER A 78 6.52 21.74 0.29
C SER A 78 6.31 20.69 -0.79
N LEU A 79 5.46 21.00 -1.76
CA LEU A 79 5.20 20.08 -2.87
C LEU A 79 6.45 19.95 -3.76
N GLN A 80 7.28 21.01 -3.79
CA GLN A 80 8.50 20.96 -4.58
C GLN A 80 9.53 20.00 -3.97
N GLN A 81 9.50 19.84 -2.65
CA GLN A 81 10.42 18.94 -1.96
C GLN A 81 9.95 17.51 -2.19
N LEU A 82 8.63 17.36 -2.31
CA LEU A 82 7.98 16.07 -2.56
C LEU A 82 8.29 15.59 -3.98
N VAL A 83 8.20 16.50 -4.94
CA VAL A 83 8.47 16.22 -6.35
C VAL A 83 9.93 15.82 -6.53
N ALA A 84 10.81 16.58 -5.86
CA ALA A 84 12.26 16.36 -5.90
C ALA A 84 12.66 14.99 -5.34
N TYR A 85 12.03 14.59 -4.23
CA TYR A 85 12.31 13.30 -3.58
C TYR A 85 11.87 12.14 -4.47
N TYR A 86 10.65 12.24 -4.99
CA TYR A 86 10.10 11.19 -5.84
C TYR A 86 10.67 11.10 -7.25
N SER A 87 11.46 12.09 -7.66
CA SER A 87 12.08 12.03 -8.99
C SER A 87 13.43 11.31 -8.86
N LYS A 88 13.82 11.02 -7.62
CA LYS A 88 15.05 10.30 -7.31
C LYS A 88 14.75 8.88 -6.85
N HIS A 89 13.68 8.72 -6.07
CA HIS A 89 13.29 7.43 -5.55
C HIS A 89 11.80 7.20 -5.76
N ALA A 90 11.42 6.01 -6.24
CA ALA A 90 10.00 5.71 -6.43
C ALA A 90 9.42 5.53 -5.02
N ASP A 91 10.11 4.73 -4.20
CA ASP A 91 9.75 4.46 -2.80
C ASP A 91 8.24 4.36 -2.53
N GLY A 92 7.61 3.36 -3.14
CA GLY A 92 6.17 3.22 -2.95
C GLY A 92 5.35 3.65 -4.15
N LEU A 93 5.88 4.58 -4.94
CA LEU A 93 5.15 5.02 -6.13
C LEU A 93 5.28 3.96 -7.24
N CYS A 94 4.36 3.96 -8.20
CA CYS A 94 4.40 3.01 -9.30
C CYS A 94 5.72 3.10 -10.07
N HIS A 95 6.18 4.34 -10.24
CA HIS A 95 7.43 4.61 -10.96
C HIS A 95 7.94 5.95 -10.42
N ARG A 96 9.25 6.19 -10.48
CA ARG A 96 9.77 7.48 -9.99
C ARG A 96 9.43 8.57 -11.02
N LEU A 97 9.41 9.83 -10.59
CA LEU A 97 9.10 10.94 -11.47
C LEU A 97 10.27 11.20 -12.40
N THR A 98 10.03 11.01 -13.69
CA THR A 98 11.07 11.17 -14.70
C THR A 98 10.99 12.36 -15.62
N ASN A 99 9.78 12.84 -15.88
CA ASN A 99 9.61 13.92 -16.85
C ASN A 99 8.33 14.70 -16.58
N VAL A 100 8.41 16.03 -16.64
CA VAL A 100 7.24 16.90 -16.43
C VAL A 100 6.33 16.79 -17.67
N CYS A 101 5.03 16.59 -17.44
CA CYS A 101 4.05 16.42 -18.53
C CYS A 101 3.98 17.56 -19.54
N PRO A 102 4.17 17.24 -20.83
CA PRO A 102 4.14 18.15 -21.98
C PRO A 102 2.76 18.76 -22.25
N THR A 103 2.78 19.97 -22.81
CA THR A 103 1.60 20.75 -23.20
C THR A 103 0.57 21.01 -22.10
N ALA B 1 11.64 -10.32 15.26
CA ALA B 1 11.04 -9.03 14.85
C ALA B 1 9.81 -8.74 15.70
N GLU B 2 9.81 -7.54 16.28
CA GLU B 2 8.76 -7.08 17.17
C GLU B 2 7.83 -6.05 16.51
N GLU B 3 8.33 -5.32 15.50
CA GLU B 3 7.56 -4.26 14.83
C GLU B 3 6.24 -4.64 14.16
N TRP B 4 6.14 -5.83 13.59
CA TRP B 4 4.88 -6.24 12.98
C TRP B 4 3.96 -6.98 13.96
N TYR B 5 4.47 -7.26 15.16
CA TYR B 5 3.66 -7.96 16.17
C TYR B 5 2.89 -6.95 17.00
N PHE B 6 1.56 -7.08 17.00
CA PHE B 6 0.72 -6.16 17.77
C PHE B 6 0.01 -6.81 18.94
N GLY B 7 0.48 -7.98 19.34
CA GLY B 7 -0.09 -8.67 20.48
C GLY B 7 -1.59 -8.94 20.53
N LYS B 8 -2.18 -8.61 21.67
CA LYS B 8 -3.61 -8.85 21.88
C LYS B 8 -4.52 -7.77 21.32
N ILE B 9 -4.16 -7.17 20.20
CA ILE B 9 -5.00 -6.15 19.58
C ILE B 9 -6.27 -6.83 19.02
N THR B 10 -7.39 -6.12 19.01
CA THR B 10 -8.62 -6.73 18.50
C THR B 10 -8.69 -6.74 16.99
N ARG B 11 -9.67 -7.45 16.45
CA ARG B 11 -9.89 -7.56 15.02
C ARG B 11 -10.28 -6.19 14.50
N ARG B 12 -11.21 -5.54 15.21
CA ARG B 12 -11.69 -4.21 14.85
C ARG B 12 -10.56 -3.16 14.88
N GLU B 13 -9.70 -3.22 15.88
CA GLU B 13 -8.60 -2.26 15.99
C GLU B 13 -7.51 -2.50 14.94
N SER B 14 -7.31 -3.75 14.55
CA SER B 14 -6.31 -4.07 13.54
C SER B 14 -6.77 -3.56 12.18
N GLU B 15 -8.08 -3.66 11.94
CA GLU B 15 -8.68 -3.19 10.70
C GLU B 15 -8.68 -1.67 10.63
N ARG B 16 -8.74 -1.02 11.79
CA ARG B 16 -8.72 0.44 11.88
C ARG B 16 -7.32 0.95 11.50
N LEU B 17 -6.30 0.23 11.95
CA LEU B 17 -4.90 0.58 11.67
C LEU B 17 -4.51 0.27 10.24
N LEU B 18 -4.88 -0.93 9.80
CA LEU B 18 -4.57 -1.37 8.45
C LEU B 18 -5.32 -0.65 7.32
N LEU B 19 -6.59 -0.36 7.55
CA LEU B 19 -7.44 0.30 6.53
C LEU B 19 -7.20 1.79 6.31
N ASN B 20 -6.07 2.26 6.79
CA ASN B 20 -5.65 3.65 6.63
C ASN B 20 -5.30 3.81 5.15
N PRO B 21 -5.95 4.76 4.43
CA PRO B 21 -5.75 5.05 3.00
C PRO B 21 -4.32 5.17 2.47
N GLU B 22 -3.42 5.63 3.34
CA GLU B 22 -2.01 5.76 2.96
C GLU B 22 -1.32 4.39 2.95
N ASN B 23 -1.90 3.44 3.65
CA ASN B 23 -1.32 2.09 3.71
C ASN B 23 -1.50 1.34 2.39
N PRO B 24 -0.38 0.95 1.78
CA PRO B 24 -0.38 0.23 0.52
C PRO B 24 -0.94 -1.17 0.71
N ARG B 25 -1.25 -1.81 -0.40
CA ARG B 25 -1.78 -3.17 -0.41
C ARG B 25 -0.65 -4.10 0.06
N GLY B 26 -0.94 -4.95 1.05
CA GLY B 26 0.08 -5.85 1.56
C GLY B 26 0.54 -5.43 2.94
N THR B 27 0.01 -4.31 3.42
CA THR B 27 0.34 -3.82 4.76
C THR B 27 -0.22 -4.84 5.75
N PHE B 28 0.55 -5.19 6.77
CA PHE B 28 0.12 -6.21 7.70
C PHE B 28 0.59 -6.06 9.14
N LEU B 29 0.14 -7.00 9.96
CA LEU B 29 0.51 -7.11 11.35
C LEU B 29 0.12 -8.51 11.77
N VAL B 30 0.77 -9.00 12.81
CA VAL B 30 0.49 -10.31 13.36
C VAL B 30 -0.02 -10.02 14.77
N ARG B 31 -1.04 -10.75 15.19
CA ARG B 31 -1.62 -10.54 16.50
C ARG B 31 -2.12 -11.86 17.03
N GLU B 32 -2.68 -11.82 18.23
CA GLU B 32 -3.25 -13.02 18.84
C GLU B 32 -4.67 -13.15 18.31
N SER B 33 -5.16 -14.38 18.22
CA SER B 33 -6.52 -14.63 17.75
C SER B 33 -7.48 -14.43 18.93
N GLU B 34 -8.53 -13.65 18.73
CA GLU B 34 -9.51 -13.39 19.79
C GLU B 34 -10.47 -14.56 20.02
N THR B 35 -10.78 -15.30 18.96
CA THR B 35 -11.74 -16.41 19.02
C THR B 35 -11.17 -17.80 19.18
N THR B 36 -9.87 -17.94 18.96
CA THR B 36 -9.24 -19.25 19.11
C THR B 36 -8.08 -19.06 20.05
N LYS B 37 -8.21 -19.63 21.25
CA LYS B 37 -7.17 -19.53 22.26
C LYS B 37 -5.90 -20.24 21.79
N GLY B 38 -4.75 -19.58 21.95
CA GLY B 38 -3.48 -20.16 21.54
C GLY B 38 -3.11 -19.99 20.08
N ALA B 39 -4.03 -19.44 19.29
CA ALA B 39 -3.76 -19.23 17.87
C ALA B 39 -3.43 -17.77 17.58
N TYR B 40 -2.78 -17.54 16.45
CA TYR B 40 -2.44 -16.17 16.07
C TYR B 40 -3.18 -15.80 14.80
N CYS B 41 -2.82 -14.65 14.23
CA CYS B 41 -3.49 -14.19 13.04
C CYS B 41 -2.64 -13.21 12.25
N LEU B 42 -2.68 -13.37 10.93
CA LEU B 42 -1.99 -12.49 10.01
C LEU B 42 -3.09 -11.67 9.37
N SER B 43 -3.10 -10.38 9.66
CA SER B 43 -4.09 -9.46 9.10
C SER B 43 -3.41 -8.63 8.01
N VAL B 44 -3.93 -8.72 6.78
CA VAL B 44 -3.37 -7.99 5.66
C VAL B 44 -4.40 -7.13 4.94
N SER B 45 -3.98 -5.94 4.52
CA SER B 45 -4.85 -5.05 3.76
C SER B 45 -4.83 -5.51 2.29
N ASP B 46 -5.99 -5.48 1.66
CA ASP B 46 -6.09 -5.90 0.28
C ASP B 46 -7.00 -4.94 -0.46
N PHE B 47 -7.30 -5.25 -1.72
CA PHE B 47 -8.14 -4.38 -2.52
C PHE B 47 -8.69 -5.06 -3.80
N ASP B 48 -9.92 -4.71 -4.14
CA ASP B 48 -10.58 -5.14 -5.36
C ASP B 48 -11.64 -4.06 -5.59
N ASN B 49 -12.02 -3.85 -6.84
CA ASN B 49 -12.99 -2.80 -7.19
C ASN B 49 -14.33 -2.79 -6.43
N ALA B 50 -14.90 -3.97 -6.19
CA ALA B 50 -16.19 -4.06 -5.50
C ALA B 50 -16.12 -3.80 -3.99
N LYS B 51 -15.19 -4.46 -3.30
CA LYS B 51 -15.04 -4.29 -1.85
C LYS B 51 -14.27 -3.05 -1.46
N GLY B 52 -13.35 -2.65 -2.32
CA GLY B 52 -12.49 -1.51 -2.05
C GLY B 52 -11.42 -2.00 -1.11
N LEU B 53 -10.88 -1.10 -0.28
CA LEU B 53 -9.86 -1.46 0.70
C LEU B 53 -10.48 -2.35 1.79
N ASN B 54 -9.93 -3.55 1.95
CA ASN B 54 -10.43 -4.48 2.95
C ASN B 54 -9.30 -5.28 3.60
N VAL B 55 -9.56 -5.83 4.77
CA VAL B 55 -8.55 -6.60 5.49
C VAL B 55 -8.81 -8.09 5.48
N LYS B 56 -7.78 -8.86 5.12
CA LYS B 56 -7.88 -10.31 5.10
C LYS B 56 -7.23 -10.85 6.38
N HIS B 57 -7.95 -11.70 7.12
CA HIS B 57 -7.43 -12.27 8.36
C HIS B 57 -7.15 -13.76 8.21
N TYR B 58 -5.89 -14.14 8.32
CA TYR B 58 -5.49 -15.53 8.21
C TYR B 58 -5.13 -16.03 9.60
N LYS B 59 -5.84 -17.06 10.06
CA LYS B 59 -5.56 -17.61 11.38
C LYS B 59 -4.24 -18.37 11.35
N ILE B 60 -3.37 -18.08 12.32
CA ILE B 60 -2.09 -18.74 12.40
C ILE B 60 -2.15 -19.74 13.54
N ARG B 61 -2.04 -21.01 13.21
CA ARG B 61 -2.09 -22.05 14.24
C ARG B 61 -0.69 -22.44 14.66
N LYS B 62 -0.55 -22.91 15.90
CA LYS B 62 0.73 -23.34 16.44
C LYS B 62 0.58 -24.78 16.92
N LEU B 63 1.50 -25.64 16.51
CA LEU B 63 1.45 -27.04 16.93
C LEU B 63 2.11 -27.21 18.28
N ASP B 64 1.53 -28.07 19.12
CA ASP B 64 2.06 -28.32 20.47
C ASP B 64 3.51 -28.82 20.45
N SER B 65 3.85 -29.57 19.41
CA SER B 65 5.22 -30.07 19.26
C SER B 65 5.81 -29.59 17.94
N GLY B 66 5.20 -28.57 17.35
CA GLY B 66 5.71 -28.08 16.07
C GLY B 66 5.83 -26.59 15.90
N GLY B 67 5.74 -26.16 14.65
CA GLY B 67 5.86 -24.77 14.32
C GLY B 67 4.55 -24.06 14.05
N PHE B 68 4.62 -22.99 13.25
CA PHE B 68 3.46 -22.18 12.94
C PHE B 68 3.04 -22.33 11.48
N TYR B 69 1.75 -22.18 11.20
CA TYR B 69 1.25 -22.30 9.84
C TYR B 69 -0.15 -21.70 9.61
N ILE B 70 -0.43 -21.31 8.38
CA ILE B 70 -1.73 -20.80 7.96
C ILE B 70 -2.33 -21.93 7.14
N THR B 71 -1.45 -22.65 6.43
CA THR B 71 -1.85 -23.80 5.64
C THR B 71 -0.88 -24.88 6.12
N SER B 72 -1.41 -26.04 6.52
CA SER B 72 -0.57 -27.13 7.04
C SER B 72 0.55 -27.65 6.14
N ARG B 73 0.45 -27.38 4.84
CA ARG B 73 1.46 -27.81 3.86
C ARG B 73 2.74 -26.99 3.93
N THR B 74 2.64 -25.79 4.50
CA THR B 74 3.79 -24.91 4.62
C THR B 74 3.89 -24.45 6.07
N GLN B 75 4.78 -25.10 6.82
CA GLN B 75 4.97 -24.80 8.23
C GLN B 75 6.26 -24.04 8.54
N PHE B 76 6.24 -23.25 9.59
CA PHE B 76 7.38 -22.43 9.98
C PHE B 76 7.79 -22.66 11.43
N SER B 77 9.07 -22.44 11.72
CA SER B 77 9.60 -22.60 13.07
C SER B 77 9.34 -21.37 13.93
N SER B 78 8.88 -20.29 13.29
CA SER B 78 8.57 -19.06 14.00
C SER B 78 7.67 -18.12 13.21
N LEU B 79 7.09 -17.15 13.91
CA LEU B 79 6.24 -16.15 13.28
C LEU B 79 7.08 -15.27 12.37
N GLN B 80 8.34 -15.05 12.76
CA GLN B 80 9.25 -14.25 11.96
C GLN B 80 9.50 -14.93 10.61
N GLN B 81 9.68 -16.26 10.64
CA GLN B 81 9.92 -17.04 9.43
C GLN B 81 8.70 -17.06 8.50
N LEU B 82 7.52 -17.03 9.10
CA LEU B 82 6.26 -17.02 8.34
C LEU B 82 6.14 -15.66 7.63
N VAL B 83 6.44 -14.59 8.36
CA VAL B 83 6.39 -13.24 7.81
C VAL B 83 7.38 -13.08 6.65
N ALA B 84 8.59 -13.59 6.83
CA ALA B 84 9.63 -13.51 5.80
C ALA B 84 9.23 -14.28 4.54
N TYR B 85 8.55 -15.41 4.75
CA TYR B 85 8.09 -16.26 3.64
C TYR B 85 7.04 -15.54 2.80
N TYR B 86 6.01 -15.02 3.47
CA TYR B 86 4.94 -14.35 2.75
C TYR B 86 5.28 -12.98 2.19
N SER B 87 6.44 -12.43 2.58
CA SER B 87 6.90 -11.15 2.06
C SER B 87 7.57 -11.39 0.71
N LYS B 88 8.16 -12.57 0.54
CA LYS B 88 8.84 -12.94 -0.70
C LYS B 88 7.85 -13.38 -1.77
N HIS B 89 6.76 -14.00 -1.34
CA HIS B 89 5.74 -14.47 -2.26
C HIS B 89 4.44 -14.72 -1.51
N ALA B 90 3.31 -14.33 -2.10
CA ALA B 90 2.00 -14.53 -1.46
C ALA B 90 1.69 -16.02 -1.34
N ASP B 91 2.01 -16.78 -2.38
CA ASP B 91 1.83 -18.24 -2.42
C ASP B 91 0.48 -18.76 -1.88
N GLY B 92 -0.62 -18.16 -2.33
CA GLY B 92 -1.94 -18.56 -1.87
C GLY B 92 -2.61 -17.43 -1.11
N LEU B 93 -1.80 -16.51 -0.61
CA LEU B 93 -2.29 -15.35 0.14
C LEU B 93 -2.90 -14.36 -0.84
N CYS B 94 -3.86 -13.56 -0.37
CA CYS B 94 -4.53 -12.55 -1.21
C CYS B 94 -3.54 -11.57 -1.81
N HIS B 95 -2.49 -11.25 -1.06
CA HIS B 95 -1.44 -10.34 -1.51
C HIS B 95 -0.17 -10.61 -0.70
N ARG B 96 0.97 -10.26 -1.30
CA ARG B 96 2.28 -10.40 -0.70
C ARG B 96 2.40 -9.38 0.45
N LEU B 97 3.14 -9.74 1.50
CA LEU B 97 3.32 -8.81 2.62
C LEU B 97 4.33 -7.76 2.21
N THR B 98 3.85 -6.54 2.00
CA THR B 98 4.70 -5.45 1.54
C THR B 98 5.13 -4.43 2.58
N ASN B 99 4.25 -4.13 3.53
CA ASN B 99 4.53 -3.12 4.53
C ASN B 99 4.04 -3.49 5.94
N VAL B 100 4.87 -3.22 6.94
CA VAL B 100 4.55 -3.45 8.35
C VAL B 100 3.60 -2.33 8.76
N CYS B 101 2.50 -2.67 9.42
CA CYS B 101 1.54 -1.66 9.85
C CYS B 101 2.15 -0.60 10.78
N PRO B 102 1.98 0.69 10.42
CA PRO B 102 2.49 1.85 11.17
C PRO B 102 1.79 2.10 12.52
N THR B 103 2.36 2.98 13.32
CA THR B 103 1.86 3.40 14.65
C THR B 103 1.40 2.32 15.62
N PRO C 1 -17.20 -12.19 10.59
CA PRO C 1 -16.66 -12.91 11.77
C PRO C 1 -15.94 -14.18 11.29
N GLN C 2 -15.32 -14.09 10.12
CA GLN C 2 -14.61 -15.22 9.55
C GLN C 2 -13.16 -14.94 9.26
N PTR C 3 -12.40 -16.01 9.12
CA PTR C 3 -10.99 -15.89 8.82
C PTR C 3 -10.85 -16.39 7.38
O PTR C 3 -11.79 -16.94 6.81
CB PTR C 3 -10.18 -16.72 9.80
CG PTR C 3 -10.02 -16.07 11.16
CD1 PTR C 3 -8.98 -15.17 11.40
CD2 PTR C 3 -10.85 -16.41 12.23
CE1 PTR C 3 -8.80 -14.62 12.65
CE2 PTR C 3 -10.67 -15.86 13.50
CZ PTR C 3 -9.63 -14.98 13.69
OH PTR C 3 -9.37 -14.49 14.94
P PTR C 3 -9.97 -13.11 15.37
O1P PTR C 3 -11.27 -13.45 15.98
O2P PTR C 3 -10.16 -12.21 14.19
O3P PTR C 3 -8.99 -12.41 16.26
N ILE C 4 -9.68 -16.20 6.78
CA ILE C 4 -9.50 -16.64 5.42
C ILE C 4 -8.57 -17.81 5.29
N PTR C 5 -8.91 -18.68 4.35
CA PTR C 5 -8.13 -19.86 4.09
C PTR C 5 -7.39 -19.70 2.79
O PTR C 5 -7.91 -19.14 1.82
CB PTR C 5 -9.02 -21.08 3.98
CG PTR C 5 -9.71 -21.47 5.27
CD1 PTR C 5 -9.11 -22.35 6.17
CD2 PTR C 5 -10.98 -20.96 5.58
CE1 PTR C 5 -9.75 -22.71 7.33
CE2 PTR C 5 -11.62 -21.32 6.74
CZ PTR C 5 -11.01 -22.20 7.62
OH PTR C 5 -11.67 -22.54 8.77
P PTR C 5 -11.14 -23.57 9.94
O1P PTR C 5 -12.23 -23.77 10.95
O2P PTR C 5 -9.93 -23.00 10.59
O3P PTR C 5 -10.77 -24.88 9.32
N VAL C 6 -6.16 -20.21 2.79
CA VAL C 6 -5.34 -20.22 1.62
C VAL C 6 -5.93 -21.41 0.84
N PRO C 7 -6.14 -21.24 -0.48
CA PRO C 7 -6.70 -22.29 -1.35
C PRO C 7 -5.88 -23.52 -1.59
N ALA C 8 -6.57 -24.66 -1.67
CA ALA C 8 -5.97 -25.98 -1.88
C ALA C 8 -5.63 -26.65 -0.56
CL CL D . -9.19 13.54 -7.08
CL CL E . -8.38 10.68 -4.89
O1 PG4 F . 0.28 25.40 -16.82
C1 PG4 F . -0.20 24.10 -16.69
C2 PG4 F . 0.12 23.30 -17.95
O2 PG4 F . -1.10 22.96 -18.56
C3 PG4 F . -1.56 24.05 -19.36
C4 PG4 F . -2.66 24.71 -18.75
O3 PG4 F . -3.58 25.25 -19.75
C5 PG4 F . -4.00 26.58 -19.47
C6 PG4 F . -2.92 27.50 -20.03
O4 PG4 F . -2.02 27.62 -18.95
C7 PG4 F . -0.71 27.91 -19.29
#